data_5H9W
#
_entry.id   5H9W
#
_cell.length_a   113.333
_cell.length_b   113.333
_cell.length_c   78.373
_cell.angle_alpha   90.00
_cell.angle_beta   90.00
_cell.angle_gamma   120.00
#
_symmetry.space_group_name_H-M   'P 31 2 1'
#
loop_
_entity.id
_entity.type
_entity.pdbx_description
1 polymer 'Ribonuclease ZC3H12A'
2 non-polymer 'SODIUM ION'
3 water water
#
_entity_poly.entity_id   1
_entity_poly.type   'polypeptide(L)'
_entity_poly.pdbx_seq_one_letter_code
;GPHMDLRPVVIDGSNVAMSHGNKEVFSCRGILLAVNWFLERGHTDITVFVPSWRKEQPRPDVPITDQHILRELEKKKILV
FTPSRRVGGKRVVCYDDRFIVKLAFESDGVVVSNDTYRDLQGERQEWKRFIEERLLMYSFVNDKFMPPDDPLGRHGPSLD
NFLRKKPLPSEHRKQPCPYGKKCTYGIKCRFFHPERPSRPQRSVADELRA
;
_entity_poly.pdbx_strand_id   A,B
#
loop_
_chem_comp.id
_chem_comp.type
_chem_comp.name
_chem_comp.formula
NA non-polymer 'SODIUM ION' 'Na 1'
#
# COMPACT_ATOMS: atom_id res chain seq x y z
N ASP A 5 -23.42 -7.46 -7.84
CA ASP A 5 -23.46 -8.93 -8.23
C ASP A 5 -22.09 -9.53 -8.58
N LEU A 6 -21.17 -8.72 -9.13
CA LEU A 6 -19.84 -9.22 -9.55
C LEU A 6 -18.81 -9.22 -8.43
N ARG A 7 -17.95 -10.23 -8.37
CA ARG A 7 -16.97 -10.27 -7.28
C ARG A 7 -15.87 -9.22 -7.50
N PRO A 8 -15.39 -8.65 -6.41
CA PRO A 8 -14.22 -7.80 -6.54
C PRO A 8 -13.07 -8.58 -7.14
N VAL A 9 -12.28 -7.92 -7.97
CA VAL A 9 -11.19 -8.57 -8.60
C VAL A 9 -9.87 -8.05 -8.13
N VAL A 10 -8.97 -8.94 -7.79
CA VAL A 10 -7.65 -8.57 -7.35
C VAL A 10 -6.62 -9.26 -8.21
N ILE A 11 -5.84 -8.50 -8.94
CA ILE A 11 -4.85 -9.06 -9.86
C ILE A 11 -3.41 -8.99 -9.34
N ASP A 12 -2.65 -10.05 -9.50
CA ASP A 12 -1.25 -10.08 -9.21
C ASP A 12 -0.54 -9.46 -10.40
N GLY A 13 -0.33 -8.15 -10.31
CA GLY A 13 0.26 -7.41 -11.41
C GLY A 13 1.57 -8.00 -11.92
N SER A 14 2.43 -8.44 -11.02
CA SER A 14 3.76 -8.93 -11.42
C SER A 14 3.62 -10.26 -12.16
N ASN A 15 2.71 -11.08 -11.68
CA ASN A 15 2.48 -12.35 -12.35
C ASN A 15 2.05 -12.12 -13.81
N VAL A 16 1.06 -11.25 -13.97
CA VAL A 16 0.54 -10.94 -15.27
C VAL A 16 1.55 -10.30 -16.20
N ALA A 17 2.26 -9.30 -15.73
CA ALA A 17 3.24 -8.63 -16.57
C ALA A 17 4.38 -9.57 -16.92
N MET A 18 4.86 -10.38 -15.98
CA MET A 18 5.85 -11.40 -16.38
C MET A 18 5.30 -12.35 -17.45
N SER A 19 4.01 -12.70 -17.43
CA SER A 19 3.50 -13.72 -18.37
C SER A 19 3.39 -13.15 -19.72
N HIS A 20 2.93 -11.91 -19.78
CA HIS A 20 2.73 -11.25 -21.04
C HIS A 20 4.06 -10.95 -21.69
N GLY A 21 4.08 -11.05 -23.00
CA GLY A 21 5.26 -10.90 -23.84
C GLY A 21 6.34 -11.90 -23.53
N ASN A 22 7.57 -11.47 -23.68
CA ASN A 22 8.71 -12.22 -23.17
C ASN A 22 8.48 -12.55 -21.69
N LYS A 23 8.67 -13.82 -21.36
CA LYS A 23 8.50 -14.26 -19.93
C LYS A 23 9.61 -13.73 -19.01
N GLU A 24 10.62 -13.13 -19.62
CA GLU A 24 11.73 -12.63 -18.86
C GLU A 24 11.67 -11.12 -18.74
N VAL A 25 10.53 -10.55 -19.11
CA VAL A 25 10.37 -9.12 -19.16
C VAL A 25 9.07 -8.75 -18.46
N PHE A 26 9.14 -7.69 -17.65
CA PHE A 26 7.96 -7.19 -16.98
C PHE A 26 7.21 -6.34 -18.02
N SER A 27 6.16 -6.93 -18.59
CA SER A 27 5.44 -6.30 -19.67
C SER A 27 4.19 -5.63 -19.16
N CYS A 28 4.27 -4.32 -18.96
CA CYS A 28 3.19 -3.61 -18.33
C CYS A 28 1.89 -3.66 -19.12
N ARG A 29 1.96 -3.73 -20.45
CA ARG A 29 0.70 -3.91 -21.22
C ARG A 29 -0.08 -5.17 -20.80
N GLY A 30 0.64 -6.19 -20.32
CA GLY A 30 -0.03 -7.40 -19.81
C GLY A 30 -1.08 -7.03 -18.78
N ILE A 31 -0.73 -6.10 -17.93
CA ILE A 31 -1.64 -5.64 -16.90
C ILE A 31 -2.82 -4.88 -17.47
N LEU A 32 -2.54 -4.00 -18.41
CA LEU A 32 -3.60 -3.22 -19.05
C LEU A 32 -4.63 -4.17 -19.64
N LEU A 33 -4.15 -5.15 -20.42
CA LEU A 33 -5.02 -6.06 -21.13
C LEU A 33 -5.88 -6.87 -20.20
N ALA A 34 -5.28 -7.43 -19.17
CA ALA A 34 -6.10 -8.13 -18.17
C ALA A 34 -7.18 -7.24 -17.57
N VAL A 35 -6.78 -6.04 -17.18
CA VAL A 35 -7.70 -5.10 -16.60
C VAL A 35 -8.85 -4.83 -17.51
N ASN A 36 -8.53 -4.52 -18.76
CA ASN A 36 -9.57 -4.25 -19.75
C ASN A 36 -10.54 -5.38 -19.99
N TRP A 37 -10.02 -6.59 -19.83
CA TRP A 37 -10.85 -7.74 -20.02
C TRP A 37 -11.96 -7.71 -19.00
N PHE A 38 -11.64 -7.26 -17.79
CA PHE A 38 -12.64 -7.29 -16.73
C PHE A 38 -13.55 -6.10 -16.87
N LEU A 39 -12.96 -4.98 -17.26
CA LEU A 39 -13.74 -3.77 -17.51
C LEU A 39 -14.82 -4.06 -18.51
N GLU A 40 -14.44 -4.76 -19.59
CA GLU A 40 -15.36 -4.92 -20.72
C GLU A 40 -16.55 -5.74 -20.34
N ARG A 41 -16.38 -6.64 -19.38
CA ARG A 41 -17.44 -7.51 -18.94
C ARG A 41 -18.37 -6.87 -17.94
N GLY A 42 -18.00 -5.69 -17.45
CA GLY A 42 -18.83 -4.91 -16.57
C GLY A 42 -18.22 -4.66 -15.19
N HIS A 43 -17.04 -5.20 -14.89
CA HIS A 43 -16.48 -5.04 -13.54
C HIS A 43 -16.12 -3.61 -13.31
N THR A 44 -16.30 -3.16 -12.09
CA THR A 44 -15.83 -1.82 -11.68
C THR A 44 -15.00 -1.87 -10.40
N ASP A 45 -15.16 -2.91 -9.59
CA ASP A 45 -14.27 -3.13 -8.45
C ASP A 45 -13.06 -3.99 -8.87
N ILE A 46 -11.95 -3.34 -9.20
CA ILE A 46 -10.72 -4.01 -9.61
C ILE A 46 -9.48 -3.37 -8.98
N THR A 47 -8.57 -4.20 -8.49
CA THR A 47 -7.34 -3.75 -7.90
C THR A 47 -6.16 -4.58 -8.38
N VAL A 48 -5.05 -3.92 -8.70
CA VAL A 48 -3.85 -4.58 -9.14
C VAL A 48 -2.72 -4.14 -8.25
N PHE A 49 -1.95 -5.10 -7.77
CA PHE A 49 -0.90 -4.78 -6.86
C PHE A 49 0.39 -4.96 -7.58
N VAL A 50 1.31 -4.02 -7.41
CA VAL A 50 2.65 -4.10 -7.92
C VAL A 50 3.61 -3.42 -6.94
N PRO A 51 4.77 -4.01 -6.68
CA PRO A 51 5.72 -3.32 -5.76
C PRO A 51 6.11 -1.92 -6.25
N SER A 52 6.38 -1.02 -5.32
CA SER A 52 6.61 0.33 -5.72
C SER A 52 7.99 0.47 -6.36
N TRP A 53 8.88 -0.47 -6.08
CA TRP A 53 10.21 -0.44 -6.71
C TRP A 53 10.13 -0.63 -8.24
N ARG A 54 9.01 -1.13 -8.78
CA ARG A 54 8.78 -1.14 -10.23
C ARG A 54 8.60 0.23 -10.88
N LYS A 55 8.42 1.26 -10.08
CA LYS A 55 8.26 2.59 -10.61
C LYS A 55 9.61 3.19 -10.99
N GLU A 56 10.69 2.77 -10.34
CA GLU A 56 11.98 3.45 -10.55
C GLU A 56 12.92 2.71 -11.51
N GLN A 57 13.25 3.37 -12.62
CA GLN A 57 13.93 2.74 -13.73
C GLN A 57 15.45 3.01 -13.79
N PRO A 58 16.03 3.74 -12.81
CA PRO A 58 17.46 4.05 -13.01
C PRO A 58 18.40 2.82 -13.25
N ARG A 59 18.04 1.61 -12.80
CA ARG A 59 18.82 0.40 -13.14
C ARG A 59 18.02 -0.93 -12.98
N PRO A 60 17.13 -1.24 -13.95
CA PRO A 60 16.17 -2.33 -13.75
C PRO A 60 16.75 -3.68 -14.22
N ASP A 61 16.99 -4.58 -13.27
CA ASP A 61 17.71 -5.83 -13.55
C ASP A 61 16.79 -6.80 -14.28
N VAL A 62 15.52 -6.83 -13.93
CA VAL A 62 14.55 -7.37 -14.87
C VAL A 62 14.03 -6.20 -15.78
N PRO A 63 14.19 -6.33 -17.10
CA PRO A 63 13.71 -5.18 -17.87
C PRO A 63 12.24 -4.99 -17.76
N ILE A 64 11.76 -3.85 -18.21
CA ILE A 64 10.34 -3.56 -18.14
C ILE A 64 9.93 -2.85 -19.40
N THR A 65 8.68 -3.01 -19.83
CA THR A 65 8.22 -2.29 -21.00
C THR A 65 6.94 -1.55 -20.63
N ASP A 66 6.72 -0.43 -21.32
CA ASP A 66 5.57 0.39 -21.13
C ASP A 66 5.37 0.70 -19.65
N GLN A 67 6.46 1.10 -19.00
CA GLN A 67 6.47 1.41 -17.58
C GLN A 67 5.38 2.45 -17.21
N HIS A 68 5.22 3.49 -18.00
CA HIS A 68 4.23 4.55 -17.75
C HIS A 68 2.83 4.05 -17.46
N ILE A 69 2.46 2.88 -17.93
CA ILE A 69 1.13 2.33 -17.64
C ILE A 69 0.82 2.21 -16.14
N LEU A 70 1.85 1.96 -15.32
CA LEU A 70 1.61 1.69 -13.92
C LEU A 70 1.00 2.89 -13.29
N ARG A 71 1.63 4.03 -13.52
CA ARG A 71 1.14 5.26 -12.95
C ARG A 71 -0.20 5.64 -13.62
N GLU A 72 -0.39 5.27 -14.86
CA GLU A 72 -1.67 5.52 -15.47
C GLU A 72 -2.76 4.83 -14.70
N LEU A 73 -2.56 3.55 -14.44
CA LEU A 73 -3.56 2.77 -13.73
C LEU A 73 -3.72 3.21 -12.25
N GLU A 74 -2.62 3.64 -11.64
CA GLU A 74 -2.69 4.23 -10.32
C GLU A 74 -3.68 5.36 -10.34
N LYS A 75 -3.56 6.30 -11.28
CA LYS A 75 -4.51 7.45 -11.35
C LYS A 75 -5.96 7.00 -11.47
N LYS A 76 -6.26 5.93 -12.24
CA LYS A 76 -7.65 5.51 -12.46
C LYS A 76 -8.22 4.82 -11.23
N LYS A 77 -7.42 4.68 -10.17
CA LYS A 77 -7.79 3.96 -8.94
C LYS A 77 -7.92 2.49 -9.08
N ILE A 78 -7.10 1.93 -9.96
CA ILE A 78 -7.04 0.50 -10.18
C ILE A 78 -5.75 -0.09 -9.64
N LEU A 79 -4.61 0.49 -9.97
CA LEU A 79 -3.36 -0.08 -9.50
C LEU A 79 -2.98 0.49 -8.14
N VAL A 80 -2.55 -0.35 -7.24
CA VAL A 80 -2.03 0.10 -5.96
C VAL A 80 -0.61 -0.41 -5.75
N PHE A 81 0.30 0.47 -5.42
CA PHE A 81 1.71 0.07 -5.26
C PHE A 81 1.91 -0.46 -3.87
N THR A 82 2.79 -1.44 -3.80
CA THR A 82 3.05 -2.14 -2.59
C THR A 82 4.41 -1.65 -2.00
N PRO A 83 4.60 -1.80 -0.68
CA PRO A 83 5.76 -1.11 -0.08
C PRO A 83 7.10 -1.83 -0.20
N SER A 84 8.20 -1.07 -0.25
CA SER A 84 9.55 -1.62 -0.39
C SER A 84 10.56 -0.50 -0.19
N ARG A 85 11.78 -0.85 0.20
CA ARG A 85 12.81 0.14 0.40
C ARG A 85 14.15 -0.55 0.48
N ARG A 86 15.22 0.24 0.59
CA ARG A 86 16.54 -0.30 0.79
C ARG A 86 16.95 -0.16 2.25
N VAL A 87 17.44 -1.24 2.83
CA VAL A 87 18.00 -1.19 4.19
C VAL A 87 19.48 -1.52 4.08
N GLY A 88 20.32 -0.60 4.53
CA GLY A 88 21.73 -0.69 4.21
C GLY A 88 21.80 -0.88 2.71
N GLY A 89 22.69 -1.75 2.26
CA GLY A 89 22.92 -1.92 0.83
C GLY A 89 21.74 -2.41 -0.01
N LYS A 90 20.88 -3.24 0.57
CA LYS A 90 20.03 -4.05 -0.28
C LYS A 90 18.55 -3.69 -0.22
N ARG A 91 17.83 -4.21 -1.18
CA ARG A 91 16.43 -3.95 -1.30
C ARG A 91 15.68 -4.95 -0.43
N VAL A 92 14.68 -4.44 0.29
CA VAL A 92 13.77 -5.28 1.05
C VAL A 92 12.37 -5.01 0.54
N VAL A 93 11.58 -6.07 0.40
CA VAL A 93 10.31 -5.97 -0.31
C VAL A 93 9.22 -6.63 0.48
N CYS A 94 8.33 -5.82 1.04
CA CYS A 94 7.10 -6.32 1.64
C CYS A 94 6.33 -7.07 0.55
N TYR A 95 5.96 -8.30 0.86
CA TYR A 95 5.49 -9.22 -0.17
C TYR A 95 4.17 -8.86 -0.76
N ASP A 96 4.22 -8.68 -2.06
CA ASP A 96 3.07 -8.71 -2.94
C ASP A 96 1.93 -9.62 -2.50
N ASP A 97 2.24 -10.87 -2.27
CA ASP A 97 1.24 -11.88 -2.24
C ASP A 97 0.25 -11.62 -1.17
N ARG A 98 0.80 -11.19 -0.05
CA ARG A 98 0.04 -10.91 1.13
C ARG A 98 -1.04 -9.88 0.91
N PHE A 99 -0.68 -8.80 0.28
CA PHE A 99 -1.67 -7.79 -0.01
C PHE A 99 -2.71 -8.43 -0.92
N ILE A 100 -2.23 -9.18 -1.91
CA ILE A 100 -3.12 -9.71 -2.93
C ILE A 100 -4.15 -10.64 -2.32
N VAL A 101 -3.68 -11.59 -1.54
CA VAL A 101 -4.59 -12.54 -0.90
C VAL A 101 -5.44 -11.90 0.19
N LYS A 102 -4.81 -11.16 1.13
CA LYS A 102 -5.53 -10.52 2.24
C LYS A 102 -6.71 -9.77 1.62
N LEU A 103 -6.50 -9.00 0.55
CA LEU A 103 -7.55 -8.11 0.03
C LEU A 103 -8.70 -8.88 -0.55
N ALA A 104 -8.37 -9.80 -1.44
CA ALA A 104 -9.36 -10.65 -2.05
C ALA A 104 -10.14 -11.47 -1.02
N PHE A 105 -9.42 -11.97 -0.02
CA PHE A 105 -10.06 -12.75 1.06
C PHE A 105 -11.11 -11.91 1.78
N GLU A 106 -10.72 -10.70 2.16
CA GLU A 106 -11.54 -9.83 3.02
C GLU A 106 -12.61 -9.11 2.23
N SER A 107 -12.34 -8.84 0.95
CA SER A 107 -13.35 -8.25 0.06
C SER A 107 -14.25 -9.35 -0.51
N ASP A 108 -13.94 -10.59 -0.17
CA ASP A 108 -14.63 -11.75 -0.69
C ASP A 108 -14.72 -11.79 -2.24
N GLY A 109 -13.61 -11.46 -2.92
CA GLY A 109 -13.53 -11.48 -4.39
C GLY A 109 -12.72 -12.66 -4.97
N VAL A 110 -12.04 -12.43 -6.10
CA VAL A 110 -11.17 -13.45 -6.71
C VAL A 110 -9.78 -12.88 -6.93
N VAL A 111 -8.83 -13.77 -7.17
CA VAL A 111 -7.44 -13.42 -7.38
C VAL A 111 -7.07 -13.89 -8.75
N VAL A 112 -6.47 -13.01 -9.52
CA VAL A 112 -6.08 -13.38 -10.84
C VAL A 112 -4.55 -13.62 -10.87
N SER A 113 -4.16 -14.86 -11.06
CA SER A 113 -2.78 -15.20 -11.09
C SER A 113 -2.67 -16.66 -11.43
N ASN A 114 -1.53 -17.02 -12.03
CA ASN A 114 -1.14 -18.41 -12.10
C ASN A 114 -0.23 -18.88 -10.98
N ASP A 115 0.07 -18.03 -10.02
CA ASP A 115 0.85 -18.43 -8.84
C ASP A 115 -0.23 -19.00 -7.92
N THR A 116 0.08 -20.04 -7.19
CA THR A 116 -0.83 -20.59 -6.19
C THR A 116 -0.38 -20.27 -4.77
N TYR A 117 0.69 -19.48 -4.62
CA TYR A 117 1.08 -18.90 -3.33
C TYR A 117 1.27 -20.00 -2.29
N ARG A 118 2.13 -20.98 -2.59
CA ARG A 118 2.29 -22.12 -1.66
C ARG A 118 2.68 -21.64 -0.26
N ASP A 119 3.59 -20.70 -0.14
CA ASP A 119 3.94 -20.15 1.19
C ASP A 119 2.70 -19.73 1.98
N LEU A 120 1.87 -18.89 1.37
CA LEU A 120 0.73 -18.34 2.10
C LEU A 120 -0.26 -19.43 2.50
N GLN A 121 -0.62 -20.33 1.60
CA GLN A 121 -1.55 -21.37 2.00
C GLN A 121 -0.98 -22.24 3.15
N GLY A 122 0.35 -22.37 3.23
CA GLY A 122 1.02 -23.04 4.34
C GLY A 122 0.96 -22.28 5.65
N GLU A 123 0.59 -21.03 5.57
CA GLU A 123 0.51 -20.19 6.77
C GLU A 123 -0.85 -20.24 7.47
N ARG A 124 -1.96 -20.20 6.71
CA ARG A 124 -3.29 -20.15 7.29
C ARG A 124 -4.30 -20.98 6.51
N GLN A 125 -4.90 -21.94 7.19
CA GLN A 125 -6.04 -22.73 6.67
C GLN A 125 -7.00 -21.94 5.80
N GLU A 126 -7.55 -20.89 6.40
CA GLU A 126 -8.61 -20.10 5.75
C GLU A 126 -8.15 -19.53 4.40
N TRP A 127 -6.86 -19.21 4.30
CA TRP A 127 -6.25 -18.74 3.06
C TRP A 127 -6.02 -19.86 2.04
N LYS A 128 -5.60 -21.03 2.52
CA LYS A 128 -5.51 -22.19 1.66
C LYS A 128 -6.85 -22.48 0.94
N ARG A 129 -7.94 -22.55 1.69
CA ARG A 129 -9.26 -22.80 1.14
C ARG A 129 -9.69 -21.69 0.20
N PHE A 130 -9.37 -20.46 0.55
CA PHE A 130 -9.79 -19.35 -0.27
C PHE A 130 -9.14 -19.49 -1.65
N ILE A 131 -7.83 -19.69 -1.64
CA ILE A 131 -7.01 -19.84 -2.86
C ILE A 131 -7.48 -20.99 -3.76
N GLU A 132 -7.79 -22.11 -3.14
CA GLU A 132 -8.38 -23.24 -3.85
C GLU A 132 -9.68 -22.86 -4.54
N GLU A 133 -10.51 -22.12 -3.84
CA GLU A 133 -11.81 -21.79 -4.37
C GLU A 133 -11.86 -20.53 -5.20
N ARG A 134 -10.81 -19.73 -5.17
CA ARG A 134 -10.96 -18.40 -5.76
C ARG A 134 -9.80 -17.91 -6.60
N LEU A 135 -8.86 -18.79 -6.98
CA LEU A 135 -7.75 -18.40 -7.90
C LEU A 135 -8.27 -18.47 -9.30
N LEU A 136 -8.08 -17.45 -10.11
CA LEU A 136 -8.42 -17.51 -11.53
C LEU A 136 -7.15 -17.45 -12.36
N MET A 137 -6.89 -18.51 -13.14
CA MET A 137 -5.66 -18.62 -13.88
C MET A 137 -5.93 -18.12 -15.29
N TYR A 138 -4.94 -18.14 -16.17
CA TYR A 138 -5.08 -17.48 -17.45
C TYR A 138 -3.92 -17.91 -18.29
N SER A 139 -4.08 -17.85 -19.61
CA SER A 139 -2.99 -17.81 -20.56
C SER A 139 -3.10 -16.56 -21.44
N PHE A 140 -1.96 -16.15 -21.96
CA PHE A 140 -1.88 -15.07 -22.91
C PHE A 140 -1.46 -15.69 -24.16
N VAL A 141 -2.14 -15.27 -25.24
CA VAL A 141 -1.65 -15.49 -26.56
C VAL A 141 -1.50 -14.14 -27.20
N ASN A 142 -0.23 -13.78 -27.41
CA ASN A 142 0.17 -12.41 -27.74
C ASN A 142 -0.53 -11.44 -26.84
N ASP A 143 -1.43 -10.61 -27.39
CA ASP A 143 -2.22 -9.67 -26.59
C ASP A 143 -3.62 -10.19 -26.22
N LYS A 144 -3.95 -11.44 -26.54
CA LYS A 144 -5.22 -12.00 -26.09
C LYS A 144 -5.09 -12.57 -24.64
N PHE A 145 -5.81 -11.98 -23.71
CA PHE A 145 -5.87 -12.44 -22.33
C PHE A 145 -6.95 -13.50 -22.24
N MET A 146 -6.58 -14.75 -22.07
CA MET A 146 -7.54 -15.86 -22.14
C MET A 146 -7.64 -16.66 -20.84
N PRO A 147 -8.63 -16.33 -19.99
CA PRO A 147 -8.93 -17.23 -18.89
C PRO A 147 -9.83 -18.42 -19.30
N PRO A 148 -9.80 -19.48 -18.49
CA PRO A 148 -10.52 -20.72 -18.80
C PRO A 148 -12.00 -20.65 -18.49
N ASP A 149 -12.85 -21.26 -19.33
CA ASP A 149 -14.26 -21.38 -19.02
C ASP A 149 -14.50 -22.26 -17.77
N ASP A 150 -13.48 -22.99 -17.35
CA ASP A 150 -13.61 -23.98 -16.30
C ASP A 150 -12.57 -23.77 -15.22
N PRO A 151 -12.56 -22.59 -14.62
CA PRO A 151 -11.51 -22.18 -13.70
C PRO A 151 -11.18 -23.17 -12.59
N LEU A 152 -12.11 -24.01 -12.17
CA LEU A 152 -11.78 -25.00 -11.13
C LEU A 152 -11.93 -26.42 -11.58
N GLY A 153 -11.85 -26.69 -12.88
CA GLY A 153 -12.13 -28.05 -13.42
C GLY A 153 -13.57 -28.29 -13.79
N ARG A 154 -13.90 -29.49 -14.30
CA ARG A 154 -15.27 -29.81 -14.75
C ARG A 154 -16.27 -29.86 -13.62
N HIS A 155 -15.78 -30.20 -12.43
CA HIS A 155 -16.62 -30.30 -11.23
C HIS A 155 -17.04 -28.98 -10.62
N GLY A 156 -16.21 -27.98 -10.82
CA GLY A 156 -16.53 -26.65 -10.37
C GLY A 156 -17.38 -25.92 -11.39
N PRO A 157 -17.52 -24.60 -11.22
CA PRO A 157 -18.44 -23.76 -11.96
C PRO A 157 -17.87 -23.08 -13.21
N SER A 158 -18.75 -22.46 -13.98
CA SER A 158 -18.38 -21.76 -15.19
C SER A 158 -17.68 -20.47 -14.83
N LEU A 159 -16.96 -19.92 -15.80
CA LEU A 159 -16.29 -18.62 -15.66
C LEU A 159 -17.29 -17.58 -15.20
N ASP A 160 -18.41 -17.52 -15.91
CA ASP A 160 -19.41 -16.49 -15.67
C ASP A 160 -19.89 -16.49 -14.21
N ASN A 161 -20.23 -17.65 -13.67
CA ASN A 161 -20.60 -17.77 -12.26
C ASN A 161 -19.48 -17.68 -11.22
N PHE A 162 -18.29 -18.09 -11.61
CA PHE A 162 -17.11 -17.88 -10.78
C PHE A 162 -17.01 -16.38 -10.44
N LEU A 163 -17.30 -15.53 -11.42
CA LEU A 163 -17.16 -14.09 -11.28
C LEU A 163 -18.41 -13.39 -10.67
N ARG A 164 -19.49 -14.14 -10.44
CA ARG A 164 -20.68 -13.65 -9.74
C ARG A 164 -20.68 -14.11 -8.28
N LYS A 165 -21.71 -13.68 -7.53
CA LYS A 165 -21.88 -14.04 -6.10
C LYS A 165 -23.02 -15.03 -5.77
N LYS A 166 -24.00 -15.25 -6.65
CA LYS A 166 -25.19 -16.01 -6.25
C LYS A 166 -25.95 -16.52 -7.47
N ASP B 5 1.98 -2.50 26.99
CA ASP B 5 2.55 -3.55 26.07
C ASP B 5 2.74 -3.07 24.61
N LEU B 6 1.89 -2.17 24.14
CA LEU B 6 1.93 -1.69 22.74
C LEU B 6 2.90 -0.54 22.56
N ARG B 7 3.60 -0.48 21.44
CA ARG B 7 4.51 0.64 21.22
C ARG B 7 3.76 1.93 20.91
N PRO B 8 4.30 3.04 21.40
CA PRO B 8 3.73 4.30 20.98
C PRO B 8 3.78 4.43 19.46
N VAL B 9 2.77 5.06 18.89
CA VAL B 9 2.72 5.21 17.45
C VAL B 9 2.85 6.65 17.03
N VAL B 10 3.76 6.93 16.10
CA VAL B 10 3.95 8.25 15.58
C VAL B 10 3.74 8.25 14.06
N ILE B 11 2.73 8.95 13.58
CA ILE B 11 2.38 8.95 12.16
C ILE B 11 2.80 10.23 11.42
N ASP B 12 3.38 10.08 10.23
CA ASP B 12 3.72 11.19 9.33
C ASP B 12 2.44 11.55 8.61
N GLY B 13 1.70 12.47 9.21
CA GLY B 13 0.41 12.87 8.71
C GLY B 13 0.41 13.25 7.24
N SER B 14 1.45 13.99 6.81
CA SER B 14 1.47 14.49 5.41
C SER B 14 1.68 13.31 4.51
N ASN B 15 2.58 12.41 4.92
CA ASN B 15 2.83 11.24 4.08
C ASN B 15 1.53 10.45 3.80
N VAL B 16 0.82 10.19 4.87
CA VAL B 16 -0.41 9.43 4.81
C VAL B 16 -1.48 10.13 4.00
N ALA B 17 -1.68 11.39 4.27
CA ALA B 17 -2.72 12.12 3.53
C ALA B 17 -2.37 12.22 2.07
N MET B 18 -1.11 12.47 1.73
CA MET B 18 -0.73 12.43 0.34
C MET B 18 -1.02 11.09 -0.27
N SER B 19 -0.86 9.97 0.42
CA SER B 19 -1.01 8.63 -0.26
C SER B 19 -2.44 8.38 -0.49
N HIS B 20 -3.26 8.74 0.49
CA HIS B 20 -4.67 8.46 0.41
C HIS B 20 -5.28 9.32 -0.68
N GLY B 21 -6.26 8.76 -1.37
CA GLY B 21 -6.87 9.36 -2.54
C GLY B 21 -5.92 9.70 -3.67
N ASN B 22 -6.21 10.78 -4.35
CA ASN B 22 -5.33 11.37 -5.33
C ASN B 22 -3.98 11.68 -4.68
N LYS B 23 -2.91 11.25 -5.33
CA LYS B 23 -1.56 11.46 -4.81
C LYS B 23 -1.09 12.88 -4.81
N GLU B 24 -1.85 13.72 -5.50
CA GLU B 24 -1.52 15.14 -5.60
C GLU B 24 -2.35 15.97 -4.65
N VAL B 25 -3.09 15.30 -3.77
CA VAL B 25 -4.02 15.94 -2.91
C VAL B 25 -3.75 15.50 -1.50
N PHE B 26 -3.85 16.46 -0.60
CA PHE B 26 -3.73 16.16 0.79
C PHE B 26 -5.08 15.68 1.29
N SER B 27 -5.21 14.36 1.44
CA SER B 27 -6.51 13.76 1.77
C SER B 27 -6.57 13.46 3.24
N CYS B 28 -7.23 14.35 3.96
CA CYS B 28 -7.22 14.25 5.41
C CYS B 28 -7.86 12.92 5.93
N ARG B 29 -8.88 12.39 5.25
CA ARG B 29 -9.47 11.12 5.71
C ARG B 29 -8.40 10.06 5.76
N GLY B 30 -7.38 10.18 4.92
CA GLY B 30 -6.25 9.23 5.02
C GLY B 30 -5.72 9.09 6.44
N ILE B 31 -5.58 10.22 7.08
CA ILE B 31 -5.08 10.28 8.42
C ILE B 31 -6.10 9.66 9.39
N LEU B 32 -7.38 9.97 9.21
CA LEU B 32 -8.41 9.44 10.08
C LEU B 32 -8.33 7.94 10.06
N LEU B 33 -8.28 7.39 8.84
CA LEU B 33 -8.38 5.95 8.64
C LEU B 33 -7.21 5.27 9.25
N ALA B 34 -6.02 5.81 9.05
CA ALA B 34 -4.83 5.22 9.67
C ALA B 34 -4.95 5.19 11.16
N VAL B 35 -5.36 6.31 11.71
CA VAL B 35 -5.51 6.44 13.14
C VAL B 35 -6.49 5.41 13.64
N ASN B 36 -7.65 5.30 12.99
CA ASN B 36 -8.67 4.33 13.40
C ASN B 36 -8.23 2.91 13.34
N TRP B 37 -7.33 2.63 12.44
CA TRP B 37 -6.79 1.30 12.32
C TRP B 37 -6.02 0.95 13.58
N PHE B 38 -5.32 1.92 14.17
CA PHE B 38 -4.56 1.62 15.36
C PHE B 38 -5.45 1.62 16.57
N LEU B 39 -6.43 2.50 16.56
CA LEU B 39 -7.42 2.52 17.65
C LEU B 39 -8.11 1.19 17.78
N GLU B 40 -8.50 0.64 16.64
CA GLU B 40 -9.31 -0.57 16.64
C GLU B 40 -8.56 -1.73 17.24
N ARG B 41 -7.24 -1.71 17.12
CA ARG B 41 -6.42 -2.77 17.65
C ARG B 41 -6.08 -2.62 19.12
N GLY B 42 -6.40 -1.48 19.70
CA GLY B 42 -6.23 -1.23 21.14
C GLY B 42 -5.27 -0.10 21.48
N HIS B 43 -4.63 0.51 20.49
CA HIS B 43 -3.64 1.53 20.81
C HIS B 43 -4.32 2.71 21.44
N THR B 44 -3.61 3.37 22.35
CA THR B 44 -4.07 4.64 22.92
C THR B 44 -2.99 5.71 22.87
N ASP B 45 -1.72 5.32 22.79
CA ASP B 45 -0.65 6.27 22.58
C ASP B 45 -0.37 6.43 21.08
N ILE B 46 -0.99 7.44 20.48
CA ILE B 46 -0.85 7.75 19.06
C ILE B 46 -0.70 9.23 18.82
N THR B 47 0.26 9.60 17.98
CA THR B 47 0.53 10.99 17.64
C THR B 47 0.71 11.12 16.15
N VAL B 48 0.12 12.14 15.58
CA VAL B 48 0.25 12.42 14.23
C VAL B 48 0.76 13.81 14.14
N PHE B 49 1.77 14.00 13.30
CA PHE B 49 2.34 15.31 13.11
C PHE B 49 1.92 15.85 11.75
N VAL B 50 1.53 17.11 11.69
CA VAL B 50 1.22 17.79 10.44
C VAL B 50 1.59 19.26 10.59
N PRO B 51 2.18 19.86 9.54
CA PRO B 51 2.55 21.29 9.69
C PRO B 51 1.33 22.17 9.89
N SER B 52 1.48 23.24 10.68
CA SER B 52 0.29 23.98 11.10
C SER B 52 -0.34 24.74 9.94
N TRP B 53 0.44 25.02 8.92
CA TRP B 53 -0.10 25.68 7.73
C TRP B 53 -1.19 24.86 7.01
N ARG B 54 -1.27 23.57 7.30
CA ARG B 54 -2.34 22.79 6.74
C ARG B 54 -3.71 23.24 7.25
N LYS B 55 -3.72 24.03 8.29
CA LYS B 55 -4.96 24.60 8.77
C LYS B 55 -5.42 25.82 8.00
N GLU B 56 -4.49 26.47 7.31
CA GLU B 56 -4.75 27.69 6.58
C GLU B 56 -5.66 27.41 5.41
N GLN B 57 -6.38 28.45 5.00
CA GLN B 57 -7.27 28.50 3.83
C GLN B 57 -6.44 28.02 2.67
N PRO B 58 -6.78 26.87 2.10
CA PRO B 58 -6.00 26.37 0.95
C PRO B 58 -5.98 27.29 -0.28
N ARG B 59 -4.90 27.22 -1.03
CA ARG B 59 -4.82 27.78 -2.34
C ARG B 59 -4.84 26.61 -3.28
N PRO B 60 -5.08 26.88 -4.57
CA PRO B 60 -5.17 25.82 -5.56
C PRO B 60 -3.91 24.97 -5.80
N ASP B 61 -2.74 25.51 -5.56
CA ASP B 61 -1.49 24.73 -5.69
C ASP B 61 -1.28 23.82 -4.50
N VAL B 62 -2.11 23.92 -3.46
CA VAL B 62 -2.06 22.97 -2.34
C VAL B 62 -3.42 22.38 -2.04
N PRO B 63 -4.04 21.66 -2.98
CA PRO B 63 -5.37 21.19 -2.55
C PRO B 63 -5.42 20.28 -1.34
N ILE B 64 -6.57 20.27 -0.66
CA ILE B 64 -6.77 19.43 0.54
C ILE B 64 -8.22 19.02 0.62
N THR B 65 -8.52 17.85 1.18
CA THR B 65 -9.91 17.46 1.36
C THR B 65 -10.17 17.10 2.81
N ASP B 66 -11.41 17.27 3.22
CA ASP B 66 -11.82 17.05 4.58
C ASP B 66 -10.88 17.77 5.62
N GLN B 67 -10.62 19.05 5.36
CA GLN B 67 -9.66 19.82 6.15
C GLN B 67 -10.01 19.82 7.65
N HIS B 68 -11.28 19.97 7.95
CA HIS B 68 -11.72 19.99 9.31
C HIS B 68 -11.24 18.81 10.20
N ILE B 69 -10.96 17.68 9.63
CA ILE B 69 -10.45 16.56 10.39
C ILE B 69 -9.15 16.85 11.21
N LEU B 70 -8.31 17.74 10.73
CA LEU B 70 -7.05 18.01 11.42
C LEU B 70 -7.31 18.57 12.79
N ARG B 71 -8.19 19.55 12.85
CA ARG B 71 -8.52 20.11 14.18
C ARG B 71 -9.37 19.16 14.98
N GLU B 72 -10.15 18.29 14.32
CA GLU B 72 -10.88 17.30 15.07
C GLU B 72 -9.91 16.44 15.79
N LEU B 73 -8.87 15.96 15.08
CA LEU B 73 -7.91 15.06 15.72
C LEU B 73 -7.05 15.82 16.75
N GLU B 74 -6.75 17.10 16.48
CA GLU B 74 -6.06 17.94 17.45
C GLU B 74 -6.82 17.91 18.77
N LYS B 75 -8.12 18.12 18.71
CA LYS B 75 -8.94 18.09 19.92
C LYS B 75 -8.89 16.74 20.69
N LYS B 76 -8.89 15.61 19.99
CA LYS B 76 -8.79 14.31 20.64
C LYS B 76 -7.35 14.04 21.12
N LYS B 77 -6.44 15.01 20.98
CA LYS B 77 -5.07 14.93 21.51
C LYS B 77 -4.28 13.84 20.82
N ILE B 78 -4.66 13.60 19.56
CA ILE B 78 -3.96 12.71 18.69
C ILE B 78 -3.11 13.47 17.71
N LEU B 79 -3.66 14.49 17.07
CA LEU B 79 -2.86 15.23 16.10
C LEU B 79 -2.10 16.37 16.79
N VAL B 80 -0.83 16.56 16.46
CA VAL B 80 -0.08 17.69 16.94
C VAL B 80 0.45 18.48 15.76
N PHE B 81 0.28 19.77 15.77
CA PHE B 81 0.73 20.52 14.64
C PHE B 81 2.19 20.86 14.81
N THR B 82 2.87 20.98 13.68
CA THR B 82 4.28 21.27 13.67
C THR B 82 4.45 22.72 13.24
N PRO B 83 5.51 23.36 13.66
CA PRO B 83 5.53 24.78 13.43
C PRO B 83 5.75 25.22 11.97
N SER B 84 5.11 26.33 11.61
CA SER B 84 5.26 26.96 10.32
C SER B 84 4.59 28.32 10.39
N ARG B 85 4.97 29.24 9.51
CA ARG B 85 4.35 30.55 9.47
C ARG B 85 4.81 31.26 8.22
N ARG B 86 4.29 32.46 8.02
CA ARG B 86 4.82 33.34 6.98
C ARG B 86 5.78 34.36 7.56
N VAL B 87 6.91 34.58 6.89
CA VAL B 87 7.87 35.64 7.18
C VAL B 87 7.98 36.48 5.90
N GLY B 88 7.75 37.77 6.03
CA GLY B 88 7.66 38.66 4.89
C GLY B 88 6.54 38.27 3.92
N GLY B 89 5.49 37.58 4.42
CA GLY B 89 4.42 37.04 3.57
C GLY B 89 4.71 35.72 2.84
N LYS B 90 6.00 35.32 2.82
CA LYS B 90 6.53 34.04 2.27
C LYS B 90 6.37 32.94 3.34
N ARG B 91 6.07 31.70 2.98
CA ARG B 91 5.83 30.64 3.96
C ARG B 91 7.10 29.95 4.32
N VAL B 92 7.31 29.77 5.62
CA VAL B 92 8.48 29.05 6.15
C VAL B 92 7.98 27.91 7.00
N VAL B 93 8.62 26.76 6.88
CA VAL B 93 8.07 25.55 7.42
C VAL B 93 9.14 24.76 8.12
N CYS B 94 9.06 24.66 9.44
CA CYS B 94 9.92 23.72 10.20
C CYS B 94 9.62 22.28 9.80
N TYR B 95 10.68 21.49 9.84
CA TYR B 95 10.72 20.17 9.30
C TYR B 95 10.04 19.19 10.17
N ASP B 96 8.92 18.75 9.64
CA ASP B 96 8.26 17.52 10.00
C ASP B 96 9.15 16.39 10.54
N ASP B 97 10.13 15.95 9.75
CA ASP B 97 10.73 14.60 9.90
C ASP B 97 11.43 14.47 11.22
N ARG B 98 12.09 15.55 11.61
CA ARG B 98 12.75 15.68 12.90
C ARG B 98 11.81 15.43 14.09
N PHE B 99 10.64 16.06 14.06
CA PHE B 99 9.69 15.82 15.15
C PHE B 99 9.32 14.35 15.12
N ILE B 100 8.99 13.89 13.93
CA ILE B 100 8.45 12.54 13.81
C ILE B 100 9.44 11.51 14.32
N VAL B 101 10.67 11.59 13.87
CA VAL B 101 11.70 10.63 14.30
C VAL B 101 12.11 10.82 15.76
N LYS B 102 12.46 12.05 16.14
CA LYS B 102 12.89 12.32 17.52
C LYS B 102 11.86 11.71 18.45
N LEU B 103 10.56 11.89 18.16
CA LEU B 103 9.52 11.50 19.11
C LEU B 103 9.42 10.01 19.26
N ALA B 104 9.32 9.35 18.12
CA ALA B 104 9.29 7.92 18.09
C ALA B 104 10.58 7.30 18.68
N PHE B 105 11.75 7.89 18.38
CA PHE B 105 13.01 7.39 18.92
C PHE B 105 13.03 7.43 20.48
N GLU B 106 12.61 8.57 21.04
CA GLU B 106 12.71 8.81 22.48
C GLU B 106 11.55 8.16 23.23
N SER B 107 10.41 8.00 22.58
CA SER B 107 9.29 7.29 23.18
C SER B 107 9.47 5.78 23.00
N ASP B 108 10.51 5.40 22.24
CA ASP B 108 10.76 4.02 21.84
C ASP B 108 9.58 3.31 21.14
N GLY B 109 8.92 4.03 20.23
CA GLY B 109 7.75 3.51 19.48
C GLY B 109 8.04 3.15 18.02
N VAL B 110 7.04 3.35 17.15
CA VAL B 110 7.21 3.15 15.70
C VAL B 110 6.78 4.37 14.93
N VAL B 111 7.18 4.43 13.67
CA VAL B 111 6.88 5.55 12.79
C VAL B 111 6.12 5.03 11.63
N VAL B 112 5.02 5.68 11.34
CA VAL B 112 4.20 5.20 10.24
C VAL B 112 4.41 6.12 9.07
N SER B 113 5.05 5.61 8.03
CA SER B 113 5.35 6.40 6.84
C SER B 113 6.03 5.55 5.80
N ASN B 114 5.85 5.91 4.54
CA ASN B 114 6.63 5.35 3.51
C ASN B 114 7.85 6.19 3.17
N ASP B 115 8.10 7.28 3.89
CA ASP B 115 9.33 8.05 3.72
C ASP B 115 10.38 7.34 4.62
N THR B 116 11.61 7.21 4.13
CA THR B 116 12.66 6.59 4.93
C THR B 116 13.65 7.61 5.47
N TYR B 117 13.42 8.88 5.19
CA TYR B 117 14.13 9.96 5.86
C TYR B 117 15.65 9.79 5.66
N ARG B 118 16.08 9.70 4.41
CA ARG B 118 17.50 9.49 4.11
C ARG B 118 18.39 10.58 4.78
N ASP B 119 18.01 11.85 4.69
CA ASP B 119 18.79 12.89 5.37
C ASP B 119 19.05 12.54 6.83
N LEU B 120 17.98 12.25 7.58
CA LEU B 120 18.12 12.06 9.03
C LEU B 120 18.99 10.87 9.34
N GLN B 121 18.79 9.75 8.67
CA GLN B 121 19.66 8.60 8.95
C GLN B 121 21.16 8.89 8.63
N GLY B 122 21.41 9.75 7.65
CA GLY B 122 22.75 10.22 7.37
C GLY B 122 23.34 11.10 8.46
N GLU B 123 22.50 11.58 9.36
CA GLU B 123 22.95 12.46 10.42
C GLU B 123 23.45 11.73 11.66
N ARG B 124 22.71 10.73 12.12
CA ARG B 124 23.03 10.05 13.37
C ARG B 124 22.82 8.57 13.26
N GLN B 125 23.90 7.83 13.49
CA GLN B 125 23.89 6.37 13.60
C GLN B 125 22.63 5.81 14.27
N GLU B 126 22.40 6.22 15.52
CA GLU B 126 21.30 5.70 16.34
C GLU B 126 19.94 5.87 15.63
N TRP B 127 19.79 6.96 14.88
CA TRP B 127 18.57 7.22 14.12
C TRP B 127 18.44 6.34 12.86
N LYS B 128 19.56 6.13 12.18
CA LYS B 128 19.58 5.21 11.06
C LYS B 128 19.05 3.84 11.48
N ARG B 129 19.61 3.29 12.55
CA ARG B 129 19.21 1.98 13.07
C ARG B 129 17.74 1.97 13.50
N PHE B 130 17.32 3.06 14.11
CA PHE B 130 15.97 3.13 14.62
C PHE B 130 15.01 3.00 13.43
N ILE B 131 15.24 3.84 12.43
CA ILE B 131 14.42 3.88 11.21
C ILE B 131 14.39 2.52 10.51
N GLU B 132 15.55 1.89 10.41
CA GLU B 132 15.64 0.55 9.82
C GLU B 132 14.79 -0.45 10.59
N GLU B 133 14.80 -0.36 11.91
CA GLU B 133 14.09 -1.32 12.72
C GLU B 133 12.65 -0.94 13.02
N ARG B 134 12.25 0.29 12.74
CA ARG B 134 10.99 0.78 13.29
C ARG B 134 10.12 1.60 12.38
N LEU B 135 10.43 1.64 11.09
CA LEU B 135 9.52 2.26 10.11
C LEU B 135 8.41 1.30 9.80
N LEU B 136 7.16 1.72 9.81
CA LEU B 136 6.08 0.86 9.33
C LEU B 136 5.51 1.52 8.07
N MET B 137 5.55 0.79 6.95
CA MET B 137 5.06 1.27 5.68
C MET B 137 3.64 0.77 5.48
N TYR B 138 2.99 1.16 4.40
CA TYR B 138 1.56 0.91 4.28
C TYR B 138 1.23 1.19 2.85
N SER B 139 0.14 0.57 2.37
CA SER B 139 -0.58 1.00 1.21
C SER B 139 -2.05 1.23 1.57
N PHE B 140 -2.70 2.08 0.79
CA PHE B 140 -4.12 2.31 0.84
C PHE B 140 -4.74 1.67 -0.37
N VAL B 141 -5.86 0.98 -0.16
CA VAL B 141 -6.76 0.61 -1.22
C VAL B 141 -8.10 1.25 -0.92
N ASN B 142 -8.42 2.26 -1.72
CA ASN B 142 -9.48 3.20 -1.44
C ASN B 142 -9.37 3.66 0.00
N ASP B 143 -10.33 3.29 0.85
CA ASP B 143 -10.31 3.63 2.27
C ASP B 143 -9.75 2.54 3.15
N LYS B 144 -9.26 1.46 2.56
CA LYS B 144 -8.64 0.42 3.33
C LYS B 144 -7.16 0.77 3.61
N PHE B 145 -6.86 1.01 4.88
CA PHE B 145 -5.48 1.24 5.30
C PHE B 145 -4.82 -0.12 5.51
N MET B 146 -3.87 -0.49 4.66
CA MET B 146 -3.27 -1.83 4.70
C MET B 146 -1.77 -1.82 4.94
N PRO B 147 -1.37 -1.99 6.19
CA PRO B 147 0.03 -2.24 6.43
C PRO B 147 0.36 -3.70 6.24
N PRO B 148 1.64 -3.97 6.01
CA PRO B 148 2.12 -5.32 5.72
C PRO B 148 2.21 -6.19 6.94
N ASP B 149 1.85 -7.47 6.81
CA ASP B 149 2.09 -8.45 7.89
C ASP B 149 3.59 -8.68 8.12
N ASP B 150 4.43 -8.21 7.20
CA ASP B 150 5.90 -8.48 7.21
C ASP B 150 6.70 -7.17 7.13
N PRO B 151 6.46 -6.26 8.05
CA PRO B 151 7.02 -4.92 7.98
C PRO B 151 8.52 -4.80 7.74
N LEU B 152 9.31 -5.79 8.10
CA LEU B 152 10.75 -5.73 7.82
C LEU B 152 11.25 -6.85 6.91
N GLY B 153 10.37 -7.41 6.06
CA GLY B 153 10.69 -8.56 5.22
C GLY B 153 10.39 -9.87 5.93
N ARG B 154 10.59 -11.00 5.25
CA ARG B 154 10.22 -12.26 5.90
C ARG B 154 11.21 -12.69 6.98
N HIS B 155 12.42 -12.12 6.97
CA HIS B 155 13.43 -12.37 8.02
C HIS B 155 13.11 -11.69 9.35
N GLY B 156 12.44 -10.56 9.29
CA GLY B 156 11.99 -9.85 10.49
C GLY B 156 10.66 -10.40 10.98
N PRO B 157 10.02 -9.67 11.90
CA PRO B 157 8.89 -10.15 12.69
C PRO B 157 7.53 -9.83 12.12
N SER B 158 6.51 -10.41 12.73
CA SER B 158 5.13 -10.22 12.29
C SER B 158 4.68 -8.80 12.66
N LEU B 159 3.60 -8.35 12.01
CA LEU B 159 2.99 -7.05 12.32
C LEU B 159 2.65 -6.95 13.80
N ASP B 160 2.01 -8.02 14.31
CA ASP B 160 1.55 -8.03 15.68
C ASP B 160 2.68 -7.79 16.66
N ASN B 161 3.80 -8.48 16.49
CA ASN B 161 4.96 -8.28 17.36
C ASN B 161 5.80 -7.06 17.13
N PHE B 162 5.77 -6.57 15.89
CA PHE B 162 6.36 -5.27 15.57
C PHE B 162 5.74 -4.19 16.44
N LEU B 163 4.43 -4.29 16.66
CA LEU B 163 3.67 -3.30 17.42
C LEU B 163 3.66 -3.54 18.92
N ARG B 164 4.26 -4.64 19.38
CA ARG B 164 4.41 -4.95 20.79
C ARG B 164 5.82 -4.62 21.28
N LYS B 165 6.06 -4.80 22.58
CA LYS B 165 7.39 -4.62 23.17
C LYS B 165 8.17 -5.89 23.57
N LYS B 166 7.55 -7.07 23.64
CA LYS B 166 8.30 -8.29 24.06
C LYS B 166 7.64 -9.58 23.62
NA NA C . 6.52 -10.75 -19.63
NA NA D . -3.58 12.06 -1.34
#